data_7EX2
#
_entry.id   7EX2
#
_cell.length_a   40.409
_cell.length_b   70.804
_cell.length_c   69.860
_cell.angle_alpha   90.000
_cell.angle_beta   90.060
_cell.angle_gamma   90.000
#
_symmetry.space_group_name_H-M   'P 1 21 1'
#
loop_
_entity.id
_entity.type
_entity.pdbx_description
1 polymer Replicase
2 non-polymer 'MANGANESE (II) ION'
3 non-polymer 'methyl (Z)-4-[4-[(4-chlorophenyl)methyl]-1-(phenylmethyl)piperidin-4-yl]-2-oxidanyl-4-oxidanylidene-but-2-enoate'
#
_entity_poly.entity_id   1
_entity_poly.type   'polypeptide(L)'
_entity_poly.pdbx_seq_one_letter_code
;MGSSHHHHHHSSGLVPRGSHMASMTGGQQMGRGSEFMEDPMYEQFLQRIQAVRTATVAKDISADILEARHDYFGRELCRA
LDIEYRNNVLLDEIILDVYPGVNLMEYNVPHVTPDNYIWTGDMLLILDYKVSVGHDSTEVTYKKYTTLILPVMQEIGINT
EICIIRANPVTNQISIVGEQFKRLFPTIPVELNFARFFELRKMLLDKFADDEEFLMMIA
;
_entity_poly.pdbx_strand_id   A,B
#
loop_
_chem_comp.id
_chem_comp.type
_chem_comp.name
_chem_comp.formula
I0N non-polymer 'methyl (Z)-4-[4-[(4-chlorophenyl)methyl]-1-(phenylmethyl)piperidin-4-yl]-2-oxidanyl-4-oxidanylidene-but-2-enoate' 'C24 H26 Cl N O4'
MN non-polymer 'MANGANESE (II) ION' 'Mn 2'
#
# COMPACT_ATOMS: atom_id res chain seq x y z
N ASP A 39 -32.62 -7.14 -2.19
CA ASP A 39 -31.22 -7.14 -2.62
C ASP A 39 -30.72 -5.69 -2.58
N PRO A 40 -29.98 -5.33 -1.53
CA PRO A 40 -29.50 -3.94 -1.43
C PRO A 40 -28.61 -3.50 -2.60
N MET A 41 -27.91 -4.41 -3.28
CA MET A 41 -26.99 -4.03 -4.35
C MET A 41 -27.74 -3.77 -5.65
N TYR A 42 -28.71 -4.61 -5.97
CA TYR A 42 -29.55 -4.35 -7.14
C TYR A 42 -30.25 -3.00 -7.00
N GLU A 43 -30.85 -2.75 -5.81
CA GLU A 43 -31.67 -1.57 -5.59
C GLU A 43 -30.87 -0.27 -5.69
N GLN A 44 -29.59 -0.31 -5.29
CA GLN A 44 -28.75 0.88 -5.37
C GLN A 44 -28.31 1.17 -6.80
N PHE A 45 -28.01 0.11 -7.56
CA PHE A 45 -27.81 0.26 -9.00
C PHE A 45 -29.07 0.79 -9.66
N LEU A 46 -30.21 0.14 -9.38
CA LEU A 46 -31.49 0.57 -9.94
C LEU A 46 -31.75 2.04 -9.63
N GLN A 47 -31.50 2.45 -8.38
CA GLN A 47 -31.75 3.84 -8.01
C GLN A 47 -30.90 4.78 -8.86
N ARG A 48 -29.68 4.34 -9.19
CA ARG A 48 -28.76 5.13 -9.99
C ARG A 48 -29.14 5.14 -11.46
N ILE A 49 -29.59 3.99 -11.98
CA ILE A 49 -30.00 3.97 -13.38
C ILE A 49 -31.24 4.84 -13.55
N GLN A 50 -32.14 4.85 -12.57
CA GLN A 50 -33.36 5.65 -12.66
C GLN A 50 -33.05 7.15 -12.71
N ALA A 51 -32.06 7.62 -11.95
CA ALA A 51 -31.81 9.05 -11.81
C ALA A 51 -30.64 9.56 -12.65
N VAL A 52 -30.03 8.72 -13.50
CA VAL A 52 -28.89 9.15 -14.29
C VAL A 52 -29.38 9.91 -15.53
N ARG A 53 -28.69 10.99 -15.88
CA ARG A 53 -29.09 11.86 -16.97
C ARG A 53 -28.01 12.03 -18.05
N THR A 54 -26.75 11.74 -17.72
CA THR A 54 -25.59 12.05 -18.56
C THR A 54 -24.77 10.80 -18.87
N ALA A 55 -24.24 10.75 -20.09
CA ALA A 55 -23.52 9.57 -20.58
C ALA A 55 -22.28 9.25 -19.74
N THR A 56 -21.65 10.27 -19.14
CA THR A 56 -20.42 10.00 -18.39
C THR A 56 -20.72 9.35 -17.04
N VAL A 57 -21.84 9.72 -16.39
CA VAL A 57 -22.24 9.05 -15.16
C VAL A 57 -22.84 7.68 -15.47
N ALA A 58 -23.49 7.56 -16.63
CA ALA A 58 -23.95 6.26 -17.12
C ALA A 58 -22.79 5.30 -17.31
N LYS A 59 -21.74 5.74 -18.00
CA LYS A 59 -20.50 4.96 -18.12
C LYS A 59 -20.08 4.39 -16.77
N ASP A 60 -19.95 5.24 -15.75
CA ASP A 60 -19.51 4.78 -14.44
C ASP A 60 -20.45 3.71 -13.88
N ILE A 61 -21.75 3.87 -14.09
CA ILE A 61 -22.66 2.86 -13.58
C ILE A 61 -22.42 1.53 -14.28
N SER A 62 -22.31 1.55 -15.62
CA SER A 62 -21.94 0.34 -16.37
C SER A 62 -20.72 -0.31 -15.76
N ALA A 63 -19.65 0.45 -15.62
CA ALA A 63 -18.42 -0.04 -15.02
C ALA A 63 -18.68 -0.65 -13.66
N ASP A 64 -19.34 0.10 -12.77
CA ASP A 64 -19.63 -0.40 -11.43
C ASP A 64 -20.37 -1.72 -11.47
N ILE A 65 -21.31 -1.88 -12.42
CA ILE A 65 -22.01 -3.15 -12.60
C ILE A 65 -21.02 -4.26 -12.92
N LEU A 66 -20.22 -4.07 -13.97
CA LEU A 66 -19.30 -5.11 -14.38
C LEU A 66 -18.32 -5.47 -13.26
N GLU A 67 -18.00 -4.51 -12.39
CA GLU A 67 -17.10 -4.85 -11.27
C GLU A 67 -17.84 -5.58 -10.16
N ALA A 68 -19.08 -5.19 -9.86
CA ALA A 68 -19.86 -5.93 -8.85
C ALA A 68 -20.15 -7.34 -9.33
N ARG A 69 -20.22 -7.51 -10.67
CA ARG A 69 -20.46 -8.81 -11.27
C ARG A 69 -19.20 -9.65 -11.17
N HIS A 70 -18.05 -9.00 -11.31
CA HIS A 70 -16.79 -9.65 -11.02
C HIS A 70 -16.72 -10.04 -9.53
N ASP A 71 -16.93 -9.07 -8.63
CA ASP A 71 -16.85 -9.34 -7.18
C ASP A 71 -17.86 -10.40 -6.74
N TYR A 72 -19.04 -10.44 -7.37
CA TYR A 72 -20.02 -11.48 -7.02
C TYR A 72 -19.47 -12.86 -7.32
N PHE A 73 -18.83 -13.02 -8.48
CA PHE A 73 -18.26 -14.32 -8.80
C PHE A 73 -17.16 -14.69 -7.83
N GLY A 74 -16.30 -13.74 -7.48
CA GLY A 74 -15.22 -14.03 -6.55
C GLY A 74 -15.71 -14.60 -5.24
N ARG A 75 -16.74 -13.96 -4.65
CA ARG A 75 -17.30 -14.45 -3.39
C ARG A 75 -17.92 -15.83 -3.56
N GLU A 76 -18.75 -16.02 -4.60
CA GLU A 76 -19.33 -17.34 -4.86
C GLU A 76 -18.26 -18.39 -5.13
N LEU A 77 -17.24 -18.07 -5.91
CA LEU A 77 -16.16 -19.03 -6.14
C LEU A 77 -15.48 -19.41 -4.84
N CYS A 78 -15.00 -18.41 -4.09
CA CYS A 78 -14.28 -18.69 -2.86
C CYS A 78 -15.17 -19.42 -1.86
N ARG A 79 -16.47 -19.11 -1.86
CA ARG A 79 -17.36 -19.79 -0.93
C ARG A 79 -17.46 -21.27 -1.26
N ALA A 80 -17.56 -21.59 -2.56
CA ALA A 80 -17.77 -22.98 -2.96
C ALA A 80 -16.56 -23.83 -2.69
N LEU A 81 -15.36 -23.25 -2.76
CA LEU A 81 -14.11 -23.93 -2.45
C LEU A 81 -13.71 -23.80 -0.98
N ASP A 82 -14.42 -22.97 -0.21
CA ASP A 82 -14.15 -22.74 1.21
C ASP A 82 -12.75 -22.17 1.44
N ILE A 83 -12.33 -21.28 0.55
CA ILE A 83 -11.06 -20.58 0.70
C ILE A 83 -11.35 -19.13 1.09
N GLU A 84 -10.38 -18.49 1.76
CA GLU A 84 -10.51 -17.08 2.14
C GLU A 84 -10.87 -16.21 0.95
N TYR A 85 -11.82 -15.32 1.14
CA TYR A 85 -12.18 -14.36 0.11
C TYR A 85 -11.34 -13.09 0.25
N ARG A 86 -10.66 -12.69 -0.81
CA ARG A 86 -9.98 -11.42 -0.91
C ARG A 86 -10.23 -10.82 -2.28
N ASN A 87 -10.09 -9.52 -2.40
CA ASN A 87 -10.28 -8.82 -3.68
C ASN A 87 -9.21 -7.72 -3.76
N ASN A 88 -8.13 -7.97 -4.52
CA ASN A 88 -7.02 -7.03 -4.63
C ASN A 88 -6.14 -7.00 -3.40
N VAL A 89 -5.16 -7.89 -3.40
CA VAL A 89 -4.11 -7.99 -2.41
C VAL A 89 -2.81 -7.50 -3.03
N LEU A 90 -2.14 -6.56 -2.35
CA LEU A 90 -0.88 -6.05 -2.85
C LEU A 90 0.19 -7.14 -2.80
N LEU A 91 0.95 -7.29 -3.88
CA LEU A 91 1.95 -8.36 -3.93
C LEU A 91 2.85 -8.32 -2.71
N ASP A 92 3.30 -7.12 -2.30
CA ASP A 92 4.15 -7.01 -1.11
C ASP A 92 3.51 -7.67 0.12
N GLU A 93 2.20 -7.50 0.26
CA GLU A 93 1.46 -8.12 1.36
C GLU A 93 1.41 -9.63 1.22
N ILE A 94 1.22 -10.13 -0.01
CA ILE A 94 1.22 -11.57 -0.26
C ILE A 94 2.57 -12.16 0.12
N ILE A 95 3.66 -11.52 -0.32
CA ILE A 95 5.01 -12.00 -0.03
C ILE A 95 5.23 -12.09 1.48
N LEU A 96 4.78 -11.06 2.23
CA LEU A 96 5.03 -11.00 3.67
C LEU A 96 4.21 -11.99 4.47
N ASP A 97 3.00 -12.30 4.02
CA ASP A 97 2.23 -13.38 4.65
C ASP A 97 2.91 -14.74 4.52
N VAL A 98 3.50 -15.01 3.36
CA VAL A 98 4.07 -16.34 3.09
C VAL A 98 5.50 -16.46 3.57
N TYR A 99 6.26 -15.38 3.56
CA TYR A 99 7.66 -15.41 3.94
C TYR A 99 7.89 -14.21 4.85
N PRO A 100 7.46 -14.31 6.12
CA PRO A 100 7.62 -13.18 7.06
C PRO A 100 9.03 -12.62 7.13
N GLY A 101 10.04 -13.46 7.06
CA GLY A 101 11.40 -12.98 7.18
C GLY A 101 11.94 -12.23 5.99
N VAL A 102 11.14 -11.98 4.96
CA VAL A 102 11.64 -11.36 3.73
C VAL A 102 12.05 -9.92 4.01
N ASN A 103 12.99 -9.42 3.21
CA ASN A 103 13.37 -8.02 3.25
C ASN A 103 12.98 -7.42 1.90
N LEU A 104 11.76 -6.90 1.83
CA LEU A 104 11.22 -6.34 0.59
C LEU A 104 12.22 -5.48 -0.15
N MET A 105 12.90 -4.60 0.59
CA MET A 105 13.79 -3.62 -0.03
C MET A 105 14.89 -4.28 -0.84
N GLU A 106 15.33 -5.49 -0.44
CA GLU A 106 16.34 -6.20 -1.22
C GLU A 106 15.80 -6.71 -2.54
N TYR A 107 14.51 -6.51 -2.84
CA TYR A 107 13.90 -6.98 -4.06
C TYR A 107 13.12 -5.87 -4.76
N ASN A 108 13.00 -6.00 -6.08
CA ASN A 108 12.18 -5.11 -6.89
C ASN A 108 10.80 -5.75 -7.09
N VAL A 109 9.84 -5.39 -6.23
CA VAL A 109 8.51 -6.01 -6.23
C VAL A 109 7.55 -5.12 -7.00
N PRO A 110 6.98 -5.59 -8.12
CA PRO A 110 5.98 -4.78 -8.83
C PRO A 110 4.68 -4.73 -8.02
N HIS A 111 4.14 -3.53 -7.81
CA HIS A 111 3.03 -3.39 -6.88
C HIS A 111 1.70 -3.68 -7.59
N VAL A 112 1.58 -4.94 -7.99
CA VAL A 112 0.33 -5.46 -8.55
C VAL A 112 -0.57 -5.92 -7.41
N THR A 113 -1.88 -6.00 -7.69
CA THR A 113 -2.88 -6.42 -6.70
C THR A 113 -3.76 -7.48 -7.35
N PRO A 114 -3.28 -8.72 -7.36
CA PRO A 114 -4.15 -9.85 -7.74
C PRO A 114 -5.37 -9.92 -6.85
N ASP A 115 -6.47 -10.41 -7.41
CA ASP A 115 -7.69 -10.60 -6.63
C ASP A 115 -7.42 -11.34 -5.32
N ASN A 116 -6.75 -12.47 -5.39
CA ASN A 116 -6.65 -13.36 -4.26
C ASN A 116 -5.41 -14.22 -4.40
N TYR A 117 -5.19 -15.07 -3.41
CA TYR A 117 -4.12 -16.06 -3.45
C TYR A 117 -4.46 -17.18 -2.47
N ILE A 118 -3.90 -18.35 -2.72
CA ILE A 118 -3.96 -19.47 -1.78
C ILE A 118 -2.51 -19.85 -1.46
N TRP A 119 -2.14 -19.83 -0.18
CA TRP A 119 -0.83 -20.28 0.28
C TRP A 119 -1.03 -21.64 0.97
N THR A 120 -0.59 -22.70 0.31
CA THR A 120 -0.78 -24.04 0.84
C THR A 120 0.26 -24.42 1.88
N GLY A 121 1.37 -23.68 1.96
CA GLY A 121 2.49 -24.02 2.80
C GLY A 121 3.71 -24.41 2.01
N ASP A 122 3.53 -25.02 0.85
CA ASP A 122 4.63 -25.31 -0.05
C ASP A 122 4.48 -24.63 -1.40
N MET A 123 3.31 -24.11 -1.74
CA MET A 123 3.09 -23.45 -3.03
C MET A 123 2.17 -22.24 -2.88
N LEU A 124 2.40 -21.23 -3.72
CA LEU A 124 1.55 -20.04 -3.77
C LEU A 124 0.77 -20.01 -5.09
N LEU A 125 -0.55 -20.01 -4.98
CA LEU A 125 -1.44 -19.89 -6.13
C LEU A 125 -1.99 -18.46 -6.16
N ILE A 126 -1.63 -17.69 -7.18
CA ILE A 126 -2.12 -16.34 -7.34
C ILE A 126 -3.41 -16.41 -8.14
N LEU A 127 -4.54 -16.08 -7.51
CA LEU A 127 -5.83 -16.17 -8.19
C LEU A 127 -6.28 -14.77 -8.59
N ASP A 128 -6.70 -14.62 -9.84
CA ASP A 128 -7.53 -13.51 -10.26
C ASP A 128 -8.84 -14.04 -10.81
N TYR A 129 -9.92 -13.35 -10.49
CA TYR A 129 -11.24 -13.64 -11.03
C TYR A 129 -11.49 -12.87 -12.32
N LYS A 130 -12.27 -13.48 -13.21
CA LYS A 130 -12.78 -12.89 -14.44
C LYS A 130 -14.21 -13.32 -14.67
N VAL A 131 -15.01 -12.43 -15.27
CA VAL A 131 -16.37 -12.77 -15.74
C VAL A 131 -16.58 -12.23 -17.15
N SER A 132 -16.50 -13.11 -18.14
CA SER A 132 -16.42 -12.66 -19.52
C SER A 132 -16.89 -13.79 -20.42
N VAL A 133 -17.52 -13.42 -21.54
CA VAL A 133 -17.76 -14.39 -22.61
C VAL A 133 -16.49 -14.71 -23.39
N GLY A 134 -15.56 -13.77 -23.55
CA GLY A 134 -14.34 -14.00 -24.30
C GLY A 134 -13.12 -14.29 -23.41
N HIS A 135 -12.02 -14.64 -24.10
CA HIS A 135 -10.76 -14.96 -23.44
C HIS A 135 -9.82 -13.78 -23.34
N ASP A 136 -10.17 -12.64 -23.94
CA ASP A 136 -9.20 -11.58 -24.11
C ASP A 136 -8.76 -11.00 -22.77
N SER A 137 -9.68 -10.91 -21.81
CA SER A 137 -9.29 -10.39 -20.50
C SER A 137 -8.39 -11.36 -19.78
N THR A 138 -8.52 -12.65 -20.07
CA THR A 138 -7.74 -13.64 -19.36
C THR A 138 -6.29 -13.63 -19.83
N GLU A 139 -6.08 -13.64 -21.15
CA GLU A 139 -4.74 -13.56 -21.73
C GLU A 139 -4.01 -12.33 -21.25
N VAL A 140 -4.67 -11.17 -21.34
CA VAL A 140 -4.05 -9.91 -20.92
C VAL A 140 -3.56 -10.00 -19.47
N THR A 141 -4.42 -10.54 -18.58
CA THR A 141 -4.02 -10.70 -17.18
C THR A 141 -2.99 -11.80 -17.01
N TYR A 142 -3.15 -12.92 -17.73
CA TYR A 142 -2.17 -13.99 -17.63
C TYR A 142 -0.77 -13.51 -17.99
N LYS A 143 -0.66 -12.78 -19.11
CA LYS A 143 0.63 -12.23 -19.50
C LYS A 143 1.17 -11.31 -18.41
N LYS A 144 0.29 -10.47 -17.83
CA LYS A 144 0.72 -9.44 -16.89
C LYS A 144 1.26 -10.02 -15.59
N TYR A 145 0.58 -11.04 -15.06
CA TYR A 145 1.02 -11.64 -13.82
C TYR A 145 2.15 -12.65 -14.06
N THR A 146 2.11 -13.40 -15.17
CA THR A 146 3.23 -14.28 -15.45
C THR A 146 4.55 -13.50 -15.53
N THR A 147 4.53 -12.32 -16.19
CA THR A 147 5.76 -11.59 -16.47
C THR A 147 6.23 -10.77 -15.27
N LEU A 148 5.29 -10.25 -14.47
CA LEU A 148 5.63 -9.35 -13.38
C LEU A 148 5.76 -10.06 -12.04
N ILE A 149 4.97 -11.09 -11.79
CA ILE A 149 5.01 -11.74 -10.48
C ILE A 149 6.04 -12.86 -10.46
N LEU A 150 6.13 -13.68 -11.50
CA LEU A 150 6.98 -14.87 -11.44
C LEU A 150 8.47 -14.57 -11.27
N PRO A 151 9.07 -13.55 -11.92
CA PRO A 151 10.48 -13.23 -11.66
C PRO A 151 10.81 -13.01 -10.20
N VAL A 152 10.06 -12.13 -9.54
CA VAL A 152 10.39 -11.79 -8.16
C VAL A 152 10.11 -12.97 -7.24
N MET A 153 9.13 -13.80 -7.57
CA MET A 153 8.85 -14.94 -6.70
C MET A 153 9.96 -15.98 -6.80
N GLN A 154 10.56 -16.12 -7.99
CA GLN A 154 11.68 -17.04 -8.18
C GLN A 154 12.92 -16.60 -7.42
N GLU A 155 13.25 -15.30 -7.50
CA GLU A 155 14.37 -14.77 -6.72
C GLU A 155 14.15 -15.00 -5.24
N ILE A 156 12.96 -14.65 -4.74
CA ILE A 156 12.64 -14.84 -3.33
C ILE A 156 12.63 -16.33 -3.00
N GLY A 157 12.39 -17.17 -4.00
CA GLY A 157 12.37 -18.60 -3.79
C GLY A 157 11.04 -19.18 -3.40
N ILE A 158 9.94 -18.54 -3.76
CA ILE A 158 8.61 -19.02 -3.44
C ILE A 158 8.02 -19.66 -4.67
N ASN A 159 7.55 -20.89 -4.54
CA ASN A 159 7.06 -21.63 -5.69
C ASN A 159 5.66 -21.11 -6.05
N THR A 160 5.52 -20.49 -7.22
CA THR A 160 4.32 -19.71 -7.52
C THR A 160 3.70 -20.11 -8.86
N GLU A 161 2.37 -20.15 -8.91
CA GLU A 161 1.64 -20.38 -10.15
C GLU A 161 0.59 -19.29 -10.33
N ILE A 162 0.39 -18.86 -11.58
CA ILE A 162 -0.63 -17.88 -11.92
C ILE A 162 -1.91 -18.60 -12.33
N CYS A 163 -2.98 -18.35 -11.58
CA CYS A 163 -4.29 -18.93 -11.84
C CYS A 163 -5.25 -17.82 -12.28
N ILE A 164 -5.97 -18.06 -13.37
CA ILE A 164 -7.06 -17.20 -13.80
C ILE A 164 -8.32 -18.03 -13.92
N ILE A 165 -9.35 -17.66 -13.18
CA ILE A 165 -10.59 -18.42 -13.13
C ILE A 165 -11.68 -17.54 -13.71
N ARG A 166 -12.28 -17.97 -14.82
CA ARG A 166 -13.24 -17.16 -15.55
C ARG A 166 -14.61 -17.81 -15.55
N ALA A 167 -15.64 -17.01 -15.34
CA ALA A 167 -17.02 -17.43 -15.46
C ALA A 167 -17.63 -16.70 -16.65
N ASN A 168 -18.12 -17.45 -17.63
CA ASN A 168 -18.93 -16.87 -18.71
C ASN A 168 -20.28 -16.44 -18.12
N PRO A 169 -20.65 -15.16 -18.16
CA PRO A 169 -21.88 -14.74 -17.46
C PRO A 169 -23.16 -15.22 -18.13
N VAL A 170 -23.10 -15.66 -19.38
CA VAL A 170 -24.30 -16.11 -20.09
C VAL A 170 -24.56 -17.61 -19.85
N THR A 171 -23.49 -18.43 -19.86
CA THR A 171 -23.63 -19.88 -19.77
C THR A 171 -23.17 -20.44 -18.43
N ASN A 172 -22.71 -19.58 -17.51
CA ASN A 172 -22.26 -19.95 -16.17
C ASN A 172 -21.11 -20.96 -16.16
N GLN A 173 -20.51 -21.26 -17.31
CA GLN A 173 -19.41 -22.21 -17.37
C GLN A 173 -18.11 -21.57 -16.91
N ILE A 174 -17.31 -22.35 -16.17
CA ILE A 174 -16.04 -21.84 -15.65
C ILE A 174 -14.90 -22.39 -16.49
N SER A 175 -13.89 -21.56 -16.68
CA SER A 175 -12.65 -21.92 -17.35
C SER A 175 -11.52 -21.65 -16.37
N ILE A 176 -10.59 -22.58 -16.23
CA ILE A 176 -9.48 -22.41 -15.30
C ILE A 176 -8.16 -22.45 -16.07
N VAL A 177 -7.35 -21.42 -15.89
CA VAL A 177 -5.93 -21.46 -16.24
C VAL A 177 -5.15 -21.68 -14.95
N GLY A 178 -4.42 -22.78 -14.86
CA GLY A 178 -3.63 -23.07 -13.68
C GLY A 178 -3.67 -24.54 -13.29
N GLU A 179 -2.59 -25.28 -13.56
CA GLU A 179 -2.70 -26.72 -13.40
C GLU A 179 -2.80 -27.10 -11.93
N GLN A 180 -2.03 -26.44 -11.08
CA GLN A 180 -2.09 -26.80 -9.67
C GLN A 180 -3.43 -26.47 -9.07
N PHE A 181 -4.07 -25.40 -9.54
CA PHE A 181 -5.40 -25.06 -9.08
C PHE A 181 -6.42 -26.12 -9.47
N LYS A 182 -6.36 -26.60 -10.72
CA LYS A 182 -7.26 -27.67 -11.14
C LYS A 182 -6.99 -28.96 -10.38
N ARG A 183 -5.77 -29.14 -9.89
CA ARG A 183 -5.49 -30.35 -9.12
C ARG A 183 -6.07 -30.26 -7.71
N LEU A 184 -6.14 -29.05 -7.17
CA LEU A 184 -6.68 -28.85 -5.83
C LEU A 184 -8.19 -28.73 -5.84
N PHE A 185 -8.76 -28.34 -6.98
CA PHE A 185 -10.19 -28.07 -7.09
C PHE A 185 -10.63 -28.67 -8.42
N PRO A 186 -10.71 -29.99 -8.48
CA PRO A 186 -11.20 -30.61 -9.71
C PRO A 186 -12.61 -30.17 -10.06
N THR A 187 -13.52 -30.21 -9.10
CA THR A 187 -14.87 -29.69 -9.28
C THR A 187 -15.00 -28.35 -8.56
N ILE A 188 -15.77 -27.46 -9.16
CA ILE A 188 -16.12 -26.18 -8.56
C ILE A 188 -17.64 -26.11 -8.44
N PRO A 189 -18.19 -26.42 -7.28
CA PRO A 189 -19.66 -26.43 -7.17
C PRO A 189 -20.27 -25.08 -6.86
N VAL A 190 -20.24 -24.15 -7.83
CA VAL A 190 -20.88 -22.85 -7.67
C VAL A 190 -22.30 -22.93 -8.22
N GLU A 191 -23.17 -22.11 -7.64
CA GLU A 191 -24.50 -21.88 -8.22
C GLU A 191 -24.48 -20.41 -8.62
N LEU A 192 -24.24 -20.14 -9.90
CA LEU A 192 -24.13 -18.77 -10.37
C LEU A 192 -25.40 -18.32 -11.10
N ASN A 193 -25.79 -17.08 -10.86
CA ASN A 193 -26.95 -16.46 -11.49
C ASN A 193 -26.59 -15.01 -11.79
N PHE A 194 -26.11 -14.75 -13.02
CA PHE A 194 -25.73 -13.39 -13.37
C PHE A 194 -26.88 -12.56 -13.91
N ALA A 195 -28.10 -13.12 -13.96
CA ALA A 195 -29.21 -12.46 -14.64
C ALA A 195 -29.48 -11.05 -14.10
N ARG A 196 -29.39 -10.82 -12.78
CA ARG A 196 -29.74 -9.51 -12.22
C ARG A 196 -28.78 -8.42 -12.68
N PHE A 197 -27.50 -8.76 -12.85
CA PHE A 197 -26.55 -7.79 -13.40
C PHE A 197 -26.94 -7.43 -14.84
N PHE A 198 -27.35 -8.42 -15.64
CA PHE A 198 -27.63 -8.18 -17.06
C PHE A 198 -28.86 -7.32 -17.21
N GLU A 199 -29.91 -7.65 -16.45
CA GLU A 199 -31.13 -6.85 -16.40
C GLU A 199 -30.80 -5.39 -16.11
N LEU A 200 -29.92 -5.15 -15.13
CA LEU A 200 -29.58 -3.78 -14.75
C LEU A 200 -28.83 -3.03 -15.85
N ARG A 201 -27.83 -3.69 -16.46
CA ARG A 201 -27.07 -3.06 -17.53
C ARG A 201 -27.90 -2.88 -18.81
N LYS A 202 -28.79 -3.84 -19.13
CA LYS A 202 -29.66 -3.67 -20.28
C LYS A 202 -30.57 -2.46 -20.10
N MET A 203 -31.09 -2.27 -18.90
CA MET A 203 -31.85 -1.05 -18.62
C MET A 203 -31.00 0.19 -18.88
N LEU A 204 -29.75 0.18 -18.42
CA LEU A 204 -28.87 1.32 -18.63
C LEU A 204 -28.57 1.51 -20.11
N LEU A 205 -28.40 0.42 -20.86
CA LEU A 205 -28.07 0.56 -22.28
C LEU A 205 -29.28 1.03 -23.08
N ASP A 206 -30.46 0.51 -22.75
CA ASP A 206 -31.68 0.98 -23.38
C ASP A 206 -31.91 2.47 -23.10
N LYS A 207 -31.78 2.88 -21.83
CA LYS A 207 -31.98 4.28 -21.47
C LYS A 207 -31.10 5.21 -22.29
N PHE A 208 -29.89 4.76 -22.64
CA PHE A 208 -28.96 5.57 -23.43
C PHE A 208 -28.75 5.01 -24.83
N ALA A 209 -29.78 4.41 -25.43
CA ALA A 209 -29.65 3.82 -26.75
C ALA A 209 -29.56 4.84 -27.88
N ASP A 210 -29.94 6.11 -27.64
CA ASP A 210 -29.91 7.15 -28.67
C ASP A 210 -28.96 8.29 -28.31
N ASP A 211 -27.94 7.99 -27.50
CA ASP A 211 -26.95 8.96 -27.01
C ASP A 211 -25.60 8.53 -27.59
N GLU A 212 -25.17 9.22 -28.67
CA GLU A 212 -23.95 8.85 -29.38
C GLU A 212 -22.74 8.93 -28.46
N GLU A 213 -22.71 9.93 -27.56
CA GLU A 213 -21.61 10.06 -26.60
C GLU A 213 -21.45 8.80 -25.75
N PHE A 214 -22.58 8.19 -25.34
CA PHE A 214 -22.50 6.99 -24.51
C PHE A 214 -22.14 5.76 -25.35
N LEU A 215 -22.75 5.60 -26.54
CA LEU A 215 -22.42 4.43 -27.35
C LEU A 215 -20.93 4.35 -27.67
N MET A 216 -20.25 5.51 -27.74
CA MET A 216 -18.80 5.52 -27.88
C MET A 216 -18.11 5.07 -26.59
N MET A 217 -18.50 5.66 -25.44
CA MET A 217 -17.84 5.36 -24.17
C MET A 217 -17.89 3.86 -23.80
N ILE A 218 -18.84 3.10 -24.36
CA ILE A 218 -19.02 1.67 -24.05
C ILE A 218 -18.42 0.74 -25.09
N ASP B 39 21.99 27.69 22.02
CA ASP B 39 21.16 26.58 21.51
C ASP B 39 20.10 26.26 22.58
N PRO B 40 18.88 26.78 22.40
CA PRO B 40 17.81 26.46 23.37
C PRO B 40 17.50 24.97 23.48
N MET B 41 17.61 24.19 22.40
CA MET B 41 17.30 22.76 22.48
C MET B 41 18.36 21.99 23.26
N TYR B 42 19.63 22.30 23.02
CA TYR B 42 20.69 21.65 23.78
C TYR B 42 20.57 22.01 25.26
N GLU B 43 20.29 23.29 25.56
CA GLU B 43 20.26 23.76 26.94
C GLU B 43 19.10 23.13 27.72
N GLN B 44 17.99 22.84 27.04
CA GLN B 44 16.85 22.24 27.72
C GLN B 44 17.06 20.74 27.98
N PHE B 45 17.71 20.04 27.07
CA PHE B 45 18.11 18.66 27.33
C PHE B 45 19.12 18.60 28.47
N LEU B 46 20.16 19.45 28.40
CA LEU B 46 21.18 19.51 29.43
C LEU B 46 20.58 19.78 30.81
N GLN B 47 19.61 20.70 30.88
CA GLN B 47 18.96 21.00 32.16
C GLN B 47 18.26 19.77 32.71
N ARG B 48 17.62 18.99 31.84
CA ARG B 48 16.93 17.78 32.25
C ARG B 48 17.90 16.68 32.65
N ILE B 49 18.99 16.49 31.89
CA ILE B 49 19.97 15.48 32.25
C ILE B 49 20.57 15.81 33.61
N GLN B 50 20.83 17.10 33.86
CA GLN B 50 21.27 17.54 35.18
C GLN B 50 20.28 17.20 36.27
N ALA B 51 18.99 17.42 36.05
CA ALA B 51 17.99 17.35 37.11
C ALA B 51 17.37 15.97 37.27
N VAL B 52 17.71 15.01 36.39
CA VAL B 52 17.05 13.71 36.38
C VAL B 52 17.67 12.79 37.42
N ARG B 53 16.81 12.11 38.20
CA ARG B 53 17.23 11.25 39.29
C ARG B 53 16.89 9.77 39.08
N THR B 54 15.84 9.45 38.29
CA THR B 54 15.29 8.10 38.17
C THR B 54 15.43 7.55 36.75
N ALA B 55 15.45 6.22 36.66
CA ALA B 55 15.68 5.53 35.39
C ALA B 55 14.56 5.77 34.39
N THR B 56 13.31 5.89 34.86
CA THR B 56 12.17 6.03 33.96
C THR B 56 12.15 7.42 33.31
N VAL B 57 12.44 8.47 34.09
CA VAL B 57 12.53 9.81 33.53
C VAL B 57 13.76 9.95 32.64
N ALA B 58 14.84 9.23 32.98
CA ALA B 58 16.00 9.17 32.10
C ALA B 58 15.63 8.56 30.76
N LYS B 59 14.95 7.42 30.78
CA LYS B 59 14.45 6.78 29.56
C LYS B 59 13.77 7.80 28.64
N ASP B 60 12.82 8.58 29.17
CA ASP B 60 12.13 9.56 28.36
C ASP B 60 13.08 10.60 27.77
N ILE B 61 14.05 11.07 28.55
CA ILE B 61 15.00 12.04 28.01
C ILE B 61 15.75 11.45 26.83
N SER B 62 16.23 10.19 26.97
CA SER B 62 16.88 9.47 25.87
C SER B 62 16.00 9.45 24.63
N ALA B 63 14.78 8.95 24.77
CA ALA B 63 13.80 8.98 23.70
C ALA B 63 13.69 10.37 23.09
N ASP B 64 13.42 11.38 23.94
CA ASP B 64 13.27 12.74 23.44
C ASP B 64 14.46 13.18 22.60
N ILE B 65 15.67 12.78 23.01
CA ILE B 65 16.88 13.10 22.27
C ILE B 65 16.81 12.45 20.89
N LEU B 66 16.53 11.14 20.87
CA LEU B 66 16.52 10.45 19.59
C LEU B 66 15.44 11.00 18.66
N GLU B 67 14.34 11.50 19.22
CA GLU B 67 13.33 12.13 18.37
C GLU B 67 13.77 13.52 17.91
N ALA B 68 14.41 14.31 18.79
CA ALA B 68 14.83 15.65 18.37
C ALA B 68 15.94 15.56 17.34
N ARG B 69 16.71 14.48 17.41
CA ARG B 69 17.76 14.21 16.42
C ARG B 69 17.14 13.83 15.10
N HIS B 70 16.10 12.99 15.15
CA HIS B 70 15.31 12.70 13.97
C HIS B 70 14.74 13.97 13.35
N ASP B 71 14.03 14.78 14.16
CA ASP B 71 13.49 16.05 13.67
C ASP B 71 14.58 16.97 13.13
N TYR B 72 15.73 17.01 13.78
CA TYR B 72 16.81 17.85 13.25
C TYR B 72 17.18 17.43 11.83
N PHE B 73 17.26 16.13 11.58
CA PHE B 73 17.56 15.71 10.22
C PHE B 73 16.44 16.09 9.26
N GLY B 74 15.18 15.90 9.69
CA GLY B 74 14.07 16.20 8.80
C GLY B 74 14.05 17.66 8.35
N ARG B 75 14.44 18.57 9.24
CA ARG B 75 14.44 19.98 8.89
C ARG B 75 15.59 20.32 7.93
N GLU B 76 16.80 19.84 8.21
CA GLU B 76 17.94 20.07 7.32
C GLU B 76 17.71 19.45 5.95
N LEU B 77 17.14 18.24 5.92
CA LEU B 77 16.93 17.56 4.65
C LEU B 77 15.88 18.28 3.81
N CYS B 78 14.72 18.59 4.41
CA CYS B 78 13.73 19.33 3.64
C CYS B 78 14.20 20.76 3.36
N ARG B 79 15.18 21.26 4.13
CA ARG B 79 15.76 22.57 3.80
C ARG B 79 16.65 22.49 2.58
N ALA B 80 17.55 21.50 2.55
CA ALA B 80 18.54 21.44 1.48
C ALA B 80 17.90 21.21 0.13
N LEU B 81 16.74 20.54 0.11
CA LEU B 81 15.99 20.26 -1.10
C LEU B 81 14.94 21.32 -1.38
N ASP B 82 14.74 22.26 -0.46
CA ASP B 82 13.78 23.36 -0.61
C ASP B 82 12.35 22.82 -0.80
N ILE B 83 12.04 21.74 -0.11
CA ILE B 83 10.68 21.23 -0.06
C ILE B 83 10.06 21.67 1.27
N GLU B 84 8.72 21.72 1.31
CA GLU B 84 8.01 22.01 2.56
C GLU B 84 8.44 21.07 3.68
N TYR B 85 8.57 21.60 4.89
CA TYR B 85 8.87 20.79 6.06
C TYR B 85 7.59 20.43 6.80
N ARG B 86 7.38 19.14 7.00
CA ARG B 86 6.30 18.62 7.83
C ARG B 86 6.86 17.50 8.70
N ASN B 87 6.18 17.20 9.80
CA ASN B 87 6.57 16.06 10.63
C ASN B 87 5.26 15.41 11.06
N ASN B 88 4.96 14.23 10.50
CA ASN B 88 3.76 13.47 10.84
C ASN B 88 2.47 14.09 10.31
N VAL B 89 2.13 13.71 9.08
CA VAL B 89 0.90 14.11 8.41
C VAL B 89 -0.02 12.91 8.32
N LEU B 90 -1.25 13.07 8.79
CA LEU B 90 -2.23 11.99 8.69
C LEU B 90 -2.52 11.68 7.23
N LEU B 91 -2.55 10.39 6.90
CA LEU B 91 -2.81 9.99 5.51
C LEU B 91 -4.09 10.60 4.98
N ASP B 92 -5.14 10.71 5.81
CA ASP B 92 -6.39 11.34 5.36
C ASP B 92 -6.16 12.77 4.90
N GLU B 93 -5.29 13.49 5.62
CA GLU B 93 -4.97 14.85 5.23
C GLU B 93 -4.18 14.88 3.93
N ILE B 94 -3.23 13.93 3.76
CA ILE B 94 -2.45 13.85 2.53
C ILE B 94 -3.39 13.60 1.34
N ILE B 95 -4.29 12.63 1.47
CA ILE B 95 -5.22 12.34 0.39
C ILE B 95 -6.02 13.58 0.01
N LEU B 96 -6.53 14.32 1.02
CA LEU B 96 -7.40 15.46 0.77
C LEU B 96 -6.66 16.61 0.10
N ASP B 97 -5.38 16.80 0.43
CA ASP B 97 -4.58 17.82 -0.23
C ASP B 97 -4.36 17.52 -1.72
N VAL B 98 -4.17 16.25 -2.08
CA VAL B 98 -3.85 15.93 -3.45
C VAL B 98 -5.10 15.71 -4.31
N TYR B 99 -6.14 15.17 -3.71
CA TYR B 99 -7.39 14.86 -4.40
C TYR B 99 -8.51 15.43 -3.55
N PRO B 100 -8.78 16.73 -3.68
CA PRO B 100 -9.78 17.37 -2.81
C PRO B 100 -11.17 16.79 -2.93
N GLY B 101 -11.56 16.32 -4.11
CA GLY B 101 -12.91 15.79 -4.25
C GLY B 101 -13.12 14.39 -3.70
N VAL B 102 -12.11 13.81 -3.06
CA VAL B 102 -12.22 12.43 -2.57
C VAL B 102 -13.30 12.34 -1.50
N ASN B 103 -13.94 11.17 -1.41
CA ASN B 103 -14.91 10.90 -0.35
C ASN B 103 -14.28 9.84 0.56
N LEU B 104 -13.59 10.31 1.61
CA LEU B 104 -12.88 9.42 2.52
C LEU B 104 -13.72 8.23 2.98
N MET B 105 -15.02 8.47 3.19
CA MET B 105 -15.89 7.43 3.73
C MET B 105 -15.99 6.23 2.79
N GLU B 106 -15.96 6.46 1.47
CA GLU B 106 -16.01 5.34 0.54
C GLU B 106 -14.78 4.45 0.64
N TYR B 107 -13.73 4.88 1.35
CA TYR B 107 -12.47 4.15 1.41
C TYR B 107 -12.07 3.81 2.83
N ASN B 108 -11.32 2.72 2.96
CA ASN B 108 -10.66 2.35 4.20
C ASN B 108 -9.23 2.91 4.19
N VAL B 109 -9.04 4.06 4.82
CA VAL B 109 -7.76 4.75 4.87
C VAL B 109 -7.11 4.44 6.23
N PRO B 110 -5.95 3.75 6.26
CA PRO B 110 -5.27 3.59 7.55
C PRO B 110 -4.78 4.94 8.05
N HIS B 111 -4.92 5.19 9.36
CA HIS B 111 -4.59 6.52 9.85
C HIS B 111 -3.13 6.61 10.30
N VAL B 112 -2.25 6.20 9.38
CA VAL B 112 -0.83 6.41 9.56
C VAL B 112 -0.49 7.89 9.46
N THR B 113 0.73 8.25 9.91
CA THR B 113 1.23 9.62 9.80
C THR B 113 2.70 9.56 9.41
N PRO B 114 2.97 9.44 8.10
CA PRO B 114 4.34 9.62 7.60
C PRO B 114 4.85 11.02 7.96
N ASP B 115 6.19 11.17 8.10
CA ASP B 115 6.75 12.50 8.34
C ASP B 115 6.20 13.53 7.37
N ASN B 116 6.41 13.32 6.07
CA ASN B 116 6.18 14.34 5.06
C ASN B 116 5.66 13.69 3.79
N TYR B 117 5.43 14.53 2.79
CA TYR B 117 5.16 14.08 1.44
C TYR B 117 5.51 15.20 0.47
N ILE B 118 5.76 14.79 -0.77
CA ILE B 118 5.94 15.70 -1.89
C ILE B 118 4.88 15.32 -2.92
N TRP B 119 3.95 16.25 -3.21
CA TRP B 119 2.95 16.07 -4.27
C TRP B 119 3.42 16.88 -5.47
N THR B 120 3.83 16.18 -6.53
CA THR B 120 4.42 16.82 -7.69
C THR B 120 3.38 17.33 -8.67
N GLY B 121 2.15 16.84 -8.59
CA GLY B 121 1.11 17.12 -9.56
C GLY B 121 0.74 15.91 -10.38
N ASP B 122 1.70 15.01 -10.59
CA ASP B 122 1.42 13.74 -11.24
C ASP B 122 1.79 12.54 -10.37
N MET B 123 2.59 12.74 -9.31
CA MET B 123 3.05 11.65 -8.43
C MET B 123 3.08 12.10 -6.98
N LEU B 124 2.78 11.16 -6.07
CA LEU B 124 2.86 11.40 -4.62
C LEU B 124 4.05 10.64 -4.02
N LEU B 125 4.98 11.37 -3.42
CA LEU B 125 6.11 10.77 -2.73
C LEU B 125 5.85 10.88 -1.22
N ILE B 126 5.65 9.75 -0.57
CA ILE B 126 5.50 9.68 0.88
C ILE B 126 6.90 9.60 1.47
N LEU B 127 7.28 10.60 2.28
CA LEU B 127 8.61 10.65 2.88
C LEU B 127 8.54 10.35 4.37
N ASP B 128 9.45 9.51 4.87
CA ASP B 128 9.67 9.36 6.30
C ASP B 128 11.18 9.43 6.53
N TYR B 129 11.57 10.36 7.41
CA TYR B 129 12.96 10.51 7.85
C TYR B 129 13.32 9.41 8.83
N LYS B 130 14.58 8.96 8.75
CA LYS B 130 15.22 8.08 9.74
C LYS B 130 16.60 8.61 10.04
N VAL B 131 17.07 8.38 11.27
CA VAL B 131 18.47 8.60 11.66
C VAL B 131 18.97 7.38 12.45
N SER B 132 19.82 6.57 11.82
CA SER B 132 20.21 5.29 12.39
C SER B 132 21.49 4.82 11.74
N VAL B 133 22.33 4.13 12.51
CA VAL B 133 23.47 3.49 11.90
C VAL B 133 23.04 2.24 11.12
N GLY B 134 21.97 1.56 11.54
CA GLY B 134 21.51 0.37 10.88
C GLY B 134 20.30 0.61 9.97
N HIS B 135 19.84 -0.49 9.36
CA HIS B 135 18.73 -0.50 8.40
C HIS B 135 17.42 -0.96 9.02
N ASP B 136 17.45 -1.48 10.25
CA ASP B 136 16.28 -2.19 10.77
C ASP B 136 15.07 -1.28 10.84
N SER B 137 15.23 -0.06 11.34
CA SER B 137 14.13 0.89 11.35
C SER B 137 13.63 1.16 9.94
N THR B 138 14.52 1.13 8.95
CA THR B 138 14.11 1.48 7.60
C THR B 138 13.24 0.38 7.00
N GLU B 139 13.65 -0.88 7.16
CA GLU B 139 12.85 -2.01 6.69
C GLU B 139 11.49 -2.02 7.38
N VAL B 140 11.49 -1.86 8.70
CA VAL B 140 10.24 -1.95 9.47
C VAL B 140 9.23 -0.95 8.94
N THR B 141 9.68 0.30 8.70
CA THR B 141 8.81 1.35 8.18
C THR B 141 8.39 1.09 6.74
N TYR B 142 9.38 0.86 5.86
CA TYR B 142 9.11 0.55 4.46
C TYR B 142 8.01 -0.49 4.30
N LYS B 143 8.15 -1.63 4.97
CA LYS B 143 7.10 -2.64 4.93
C LYS B 143 5.75 -2.01 5.28
N LYS B 144 5.72 -1.22 6.37
CA LYS B 144 4.48 -0.72 6.95
C LYS B 144 3.77 0.25 6.03
N TYR B 145 4.52 1.20 5.47
CA TYR B 145 3.91 2.13 4.55
C TYR B 145 3.74 1.51 3.16
N THR B 146 4.51 0.48 2.82
CA THR B 146 4.22 -0.23 1.58
C THR B 146 2.88 -0.93 1.68
N THR B 147 2.65 -1.67 2.77
CA THR B 147 1.48 -2.52 2.85
C THR B 147 0.23 -1.73 3.20
N LEU B 148 0.36 -0.63 3.95
CA LEU B 148 -0.81 0.10 4.40
C LEU B 148 -1.17 1.30 3.52
N ILE B 149 -0.21 1.94 2.88
CA ILE B 149 -0.55 3.16 2.15
C ILE B 149 -0.81 2.89 0.68
N LEU B 150 -0.04 1.99 0.06
CA LEU B 150 -0.18 1.73 -1.37
C LEU B 150 -1.56 1.21 -1.78
N PRO B 151 -2.17 0.23 -1.08
CA PRO B 151 -3.49 -0.24 -1.53
C PRO B 151 -4.52 0.86 -1.67
N VAL B 152 -4.69 1.67 -0.62
CA VAL B 152 -5.71 2.71 -0.67
C VAL B 152 -5.33 3.76 -1.69
N MET B 153 -4.04 4.02 -1.89
CA MET B 153 -3.69 4.99 -2.91
C MET B 153 -3.99 4.44 -4.30
N GLN B 154 -3.95 3.13 -4.46
CA GLN B 154 -4.25 2.53 -5.77
C GLN B 154 -5.75 2.60 -6.07
N GLU B 155 -6.58 2.27 -5.08
CA GLU B 155 -8.03 2.40 -5.25
C GLU B 155 -8.42 3.84 -5.56
N ILE B 156 -7.85 4.80 -4.82
CA ILE B 156 -8.19 6.21 -5.06
C ILE B 156 -7.66 6.68 -6.41
N GLY B 157 -6.62 6.03 -6.92
CA GLY B 157 -6.06 6.39 -8.21
C GLY B 157 -4.90 7.35 -8.17
N ILE B 158 -4.21 7.47 -7.04
CA ILE B 158 -3.10 8.40 -6.90
C ILE B 158 -1.82 7.60 -6.96
N ASN B 159 -0.93 8.00 -7.87
CA ASN B 159 0.30 7.28 -8.10
C ASN B 159 1.29 7.57 -6.96
N THR B 160 1.70 6.55 -6.23
CA THR B 160 2.36 6.80 -4.95
C THR B 160 3.57 5.92 -4.76
N GLU B 161 4.64 6.52 -4.26
CA GLU B 161 5.87 5.80 -3.95
C GLU B 161 6.20 6.02 -2.48
N ILE B 162 6.75 4.98 -1.84
CA ILE B 162 7.23 5.06 -0.46
C ILE B 162 8.70 5.39 -0.47
N CYS B 163 9.07 6.50 0.17
CA CYS B 163 10.44 7.00 0.24
C CYS B 163 10.92 7.02 1.69
N ILE B 164 12.02 6.33 1.97
CA ILE B 164 12.63 6.38 3.30
C ILE B 164 14.02 6.98 3.15
N ILE B 165 14.26 8.12 3.77
CA ILE B 165 15.56 8.79 3.69
C ILE B 165 16.21 8.66 5.06
N ARG B 166 17.39 8.04 5.10
CA ARG B 166 18.06 7.76 6.37
C ARG B 166 19.44 8.43 6.37
N ALA B 167 19.79 8.99 7.53
CA ALA B 167 21.10 9.57 7.77
C ALA B 167 21.78 8.78 8.88
N ASN B 168 22.98 8.30 8.61
CA ASN B 168 23.76 7.65 9.65
C ASN B 168 24.32 8.76 10.55
N PRO B 169 23.94 8.80 11.85
CA PRO B 169 24.38 9.93 12.69
C PRO B 169 25.88 9.95 12.94
N VAL B 170 26.59 8.86 12.65
CA VAL B 170 28.02 8.78 12.91
C VAL B 170 28.81 9.23 11.69
N THR B 171 28.40 8.78 10.50
CA THR B 171 29.15 9.06 9.28
C THR B 171 28.49 10.10 8.39
N ASN B 172 27.34 10.63 8.80
CA ASN B 172 26.56 11.64 8.09
C ASN B 172 26.09 11.18 6.72
N GLN B 173 26.24 9.90 6.39
CA GLN B 173 25.90 9.42 5.07
C GLN B 173 24.41 9.16 4.91
N ILE B 174 23.87 9.58 3.76
CA ILE B 174 22.45 9.49 3.49
C ILE B 174 22.18 8.27 2.63
N SER B 175 21.16 7.50 3.00
CA SER B 175 20.69 6.34 2.23
C SER B 175 19.23 6.55 1.88
N ILE B 176 18.89 6.41 0.60
CA ILE B 176 17.54 6.67 0.11
C ILE B 176 16.92 5.38 -0.40
N VAL B 177 15.72 5.08 0.07
CA VAL B 177 14.85 4.11 -0.57
C VAL B 177 13.79 4.91 -1.33
N GLY B 178 13.69 4.69 -2.63
CA GLY B 178 12.69 5.37 -3.45
C GLY B 178 13.24 5.89 -4.76
N GLU B 179 12.95 5.21 -5.87
CA GLU B 179 13.64 5.54 -7.11
C GLU B 179 13.23 6.91 -7.63
N GLN B 180 11.94 7.24 -7.58
CA GLN B 180 11.53 8.55 -8.05
C GLN B 180 12.14 9.66 -7.22
N PHE B 181 12.28 9.44 -5.92
CA PHE B 181 12.92 10.44 -5.07
C PHE B 181 14.36 10.70 -5.50
N LYS B 182 15.13 9.63 -5.75
CA LYS B 182 16.51 9.78 -6.21
C LYS B 182 16.58 10.51 -7.54
N ARG B 183 15.55 10.35 -8.38
CA ARG B 183 15.55 11.03 -9.67
C ARG B 183 15.28 12.52 -9.52
N LEU B 184 14.40 12.90 -8.60
CA LEU B 184 14.15 14.30 -8.36
C LEU B 184 15.31 14.97 -7.65
N PHE B 185 16.00 14.22 -6.80
CA PHE B 185 17.03 14.78 -5.92
C PHE B 185 18.24 13.88 -6.04
N PRO B 186 18.99 13.99 -7.13
CA PRO B 186 20.21 13.19 -7.23
C PRO B 186 21.20 13.54 -6.15
N THR B 187 21.44 14.82 -5.90
CA THR B 187 22.32 15.25 -4.82
C THR B 187 21.47 15.79 -3.67
N ILE B 188 21.91 15.49 -2.46
CA ILE B 188 21.34 16.03 -1.23
C ILE B 188 22.41 16.87 -0.52
N PRO B 189 22.43 18.19 -0.70
CA PRO B 189 23.51 18.97 -0.07
C PRO B 189 23.19 19.41 1.36
N VAL B 190 23.23 18.46 2.28
CA VAL B 190 23.01 18.78 3.69
C VAL B 190 24.36 18.98 4.37
N GLU B 191 24.34 19.80 5.41
CA GLU B 191 25.48 19.91 6.31
C GLU B 191 24.98 19.40 7.65
N LEU B 192 25.27 18.15 7.95
CA LEU B 192 24.79 17.55 9.18
C LEU B 192 25.88 17.55 10.24
N ASN B 193 25.46 17.72 11.50
CA ASN B 193 26.35 17.68 12.66
C ASN B 193 25.53 17.15 13.82
N PHE B 194 25.57 15.83 14.01
CA PHE B 194 24.79 15.22 15.08
C PHE B 194 25.53 15.21 16.40
N ALA B 195 26.74 15.78 16.46
CA ALA B 195 27.61 15.61 17.61
C ALA B 195 26.94 16.08 18.92
N ARG B 196 26.12 17.15 18.86
CA ARG B 196 25.51 17.67 20.09
C ARG B 196 24.49 16.68 20.67
N PHE B 197 23.81 15.92 19.81
CA PHE B 197 22.90 14.92 20.33
C PHE B 197 23.67 13.80 21.04
N PHE B 198 24.80 13.40 20.46
CA PHE B 198 25.53 12.27 21.03
C PHE B 198 26.16 12.68 22.35
N GLU B 199 26.68 13.91 22.41
CA GLU B 199 27.27 14.42 23.63
C GLU B 199 26.24 14.42 24.75
N LEU B 200 24.98 14.72 24.43
CA LEU B 200 23.92 14.81 25.45
C LEU B 200 23.45 13.44 25.90
N ARG B 201 23.31 12.49 24.97
CA ARG B 201 22.91 11.13 25.33
C ARG B 201 24.04 10.36 26.03
N LYS B 202 25.31 10.66 25.71
CA LYS B 202 26.40 10.00 26.42
C LYS B 202 26.43 10.44 27.87
N MET B 203 26.18 11.73 28.11
CA MET B 203 26.07 12.21 29.49
C MET B 203 24.98 11.47 30.24
N LEU B 204 23.82 11.29 29.61
CA LEU B 204 22.72 10.56 30.24
C LEU B 204 23.07 9.09 30.48
N LEU B 205 23.80 8.48 29.54
CA LEU B 205 24.15 7.07 29.70
C LEU B 205 25.21 6.91 30.78
N ASP B 206 26.14 7.86 30.84
CA ASP B 206 27.16 7.85 31.88
C ASP B 206 26.53 8.05 33.26
N LYS B 207 25.63 9.04 33.39
CA LYS B 207 24.98 9.30 34.67
C LYS B 207 24.26 8.08 35.22
N PHE B 208 23.73 7.21 34.35
CA PHE B 208 23.00 6.02 34.78
C PHE B 208 23.72 4.71 34.44
N ALA B 209 25.05 4.74 34.34
CA ALA B 209 25.76 3.54 33.93
C ALA B 209 25.75 2.44 34.98
N ASP B 210 25.39 2.73 36.23
CA ASP B 210 25.37 1.74 37.30
C ASP B 210 23.95 1.48 37.82
N ASP B 211 22.94 1.76 36.99
CA ASP B 211 21.51 1.63 37.32
C ASP B 211 20.95 0.52 36.43
N GLU B 212 20.82 -0.69 36.99
CA GLU B 212 20.38 -1.83 36.19
C GLU B 212 19.01 -1.61 35.58
N GLU B 213 18.11 -0.89 36.31
CA GLU B 213 16.78 -0.59 35.80
C GLU B 213 16.86 0.19 34.49
N PHE B 214 17.78 1.15 34.40
CA PHE B 214 17.90 1.95 33.20
C PHE B 214 18.57 1.16 32.07
N LEU B 215 19.62 0.41 32.38
CA LEU B 215 20.30 -0.31 31.31
C LEU B 215 19.36 -1.27 30.60
N MET B 216 18.34 -1.79 31.30
CA MET B 216 17.33 -2.63 30.65
C MET B 216 16.40 -1.79 29.77
N MET B 217 15.91 -0.66 30.30
CA MET B 217 14.98 0.20 29.55
C MET B 217 15.57 0.68 28.21
N ILE B 218 16.90 0.69 28.06
CA ILE B 218 17.56 1.21 26.86
C ILE B 218 18.04 0.09 25.94
MN MN C . -9.04 -7.49 -9.06
MN MN D . -10.30 -10.03 -11.28
C1 I0N E . -11.12 -9.18 -13.62
C3 I0N E . -9.64 -7.41 -13.58
C5 I0N E . -9.66 -6.81 -12.23
C7 I0N E . -9.54 -5.50 -11.96
C8 I0N E . -9.53 -4.77 -10.68
C10 I0N E . -9.96 -3.35 -10.63
C11 I0N E . -11.61 -3.25 -10.47
C12 I0N E . -12.48 -3.98 -11.50
C13 I0N E . -12.96 -5.30 -11.33
C14 I0N E . -13.76 -5.90 -12.31
C15 I0N E . -14.09 -5.17 -13.45
C17 I0N E . -13.61 -3.88 -13.67
C18 I0N E . -12.80 -3.31 -12.69
C19 I0N E . -9.23 -2.60 -9.50
C20 I0N E . -7.72 -2.66 -9.58
C22 I0N E . -5.75 -2.44 -10.93
C23 I0N E . -5.37 -1.44 -12.05
C24 I0N E . -4.52 -1.92 -13.10
C25 I0N E . -4.16 -1.02 -14.14
C26 I0N E . -4.66 0.35 -14.14
C27 I0N E . -5.50 0.80 -13.08
C28 I0N E . -5.79 -0.08 -12.02
C29 I0N E . -7.87 -2.79 -12.01
C30 I0N E . -9.39 -2.71 -11.93
N21 I0N E . -7.26 -2.23 -10.87
O2 I0N E . -9.73 -8.84 -13.50
O4 I0N E . -9.53 -6.87 -14.64
O6 I0N E . -9.69 -7.77 -11.18
O9 I0N E . -9.17 -5.25 -9.65
CL I0N E . -15.09 -5.91 -14.66
MN MN F . 7.19 10.93 11.77
MN MN G . 10.54 9.45 10.70
C1 I0N H . 12.08 7.67 12.28
C3 I0N H . 9.82 7.19 12.76
C5 I0N H . 8.91 8.30 13.05
C7 I0N H . 8.26 8.40 14.22
C8 I0N H . 7.25 9.37 14.80
C10 I0N H . 6.68 9.16 16.28
C11 I0N H . 7.86 10.19 16.85
C12 I0N H . 9.29 9.73 16.87
C13 I0N H . 10.26 10.30 16.02
C14 I0N H . 11.60 9.86 16.03
C15 I0N H . 11.99 8.90 16.96
C17 I0N H . 11.09 8.35 17.88
C18 I0N H . 9.73 8.76 17.80
C19 I0N H . 6.92 7.66 16.13
C20 I0N H . 5.74 6.77 16.52
C22 I0N H . 3.74 6.33 15.35
C23 I0N H . 2.51 5.75 16.03
C24 I0N H . 1.25 6.43 15.77
C25 I0N H . 0.07 5.93 16.40
C26 I0N H . 0.15 4.77 17.28
C27 I0N H . 1.44 4.12 17.54
C28 I0N H . 2.61 4.61 16.90
C29 I0N H . 4.27 8.59 15.55
C30 I0N H . 5.30 9.69 15.77
N21 I0N H . 4.40 7.33 16.28
O2 I0N H . 10.78 7.42 11.73
O4 I0N H . 9.88 6.07 13.34
O6 I0N H . 8.67 9.21 11.99
O9 I0N H . 6.93 10.36 14.17
CL I0N H . 13.62 8.34 16.91
#